data_2WM0
#
_entry.id   2WM0
#
_cell.length_a   130.823
_cell.length_b   201.022
_cell.length_c   59.270
_cell.angle_alpha   90.00
_cell.angle_beta   90.00
_cell.angle_gamma   90.00
#
_symmetry.space_group_name_H-M   'C 2 2 21'
#
loop_
_entity.id
_entity.type
_entity.pdbx_description
1 polymer 'CHITINASE A'
2 branched 2-acetamido-2-deoxy-beta-D-glucopyranose-(1-4)-2-acetamido-2-deoxy-beta-D-glucopyranose
3 non-polymer 3AR,5R,6S,7R,7AR-5-HYDROXYMETHYL-2-METHYL-5,6,7,7A-TETRAHYDRO-3AH-PYRANO[3,2-D]THIAZOLE-6,7-DIOL
4 non-polymer '1,4-DIETHYLENE DIOXIDE'
5 non-polymer DI(HYDROXYETHYL)ETHER
6 water water
#
_entity_poly.entity_id   1
_entity_poly.type   'polypeptide(L)'
_entity_poly.pdbx_seq_one_letter_code
;AAPGKPTIAWGNTKFAIVEVDQAATAYNNLVKVKNAADVSVSWNLWNGDTGTTAKILLNGKEAWSGPSTGSSGTANFKVN
KGGRYQMQVALCNADGCTASDATEIVVADTDGSHLAPLKEPLLEKNKPYKQNSGKVVGSYFVEWGVYGRNFTVDKIPAQN
LTHLLYGFIPICGGNGINDSLKEIEGSFQALQRSCQGREDFKVSIHDPFAALQKAQKGVTAWDDPYKGNFGQLMALKQAH
PDLKILPSIGGWTLSDPFFFMGDKVKRDRFVGSVKEFLQTWKFFDGVDIDWEFPGGKGANPNLGSPQDGETYVLLMKELR
AMLDQLSAETGRKYELTSAISAGKDKIDKVAYNVAQNSMDHIFLMSYDFYGAFDLKNLGHQTALNAPAWKPDTAYTTVNG
VNALLTQGVKPGKIVVGTAMYGRGWTGVNGYQNNIPFTGTATGPVKGTWENGIVDYRQIASQFMSGEWQYTYDATAEAPY
VFKPSTGDLITFDDARSVQAKGKYVLDKQLGGLFSWEIDADNGDILNSMNASLGNSAGVQLEHHHHHH
;
_entity_poly.pdbx_strand_id   A
#
loop_
_chem_comp.id
_chem_comp.type
_chem_comp.name
_chem_comp.formula
DIO non-polymer '1,4-DIETHYLENE DIOXIDE' 'C4 H8 O2'
NAG D-saccharide, beta linking 2-acetamido-2-deoxy-beta-D-glucopyranose 'C8 H15 N O6'
NGT non-polymer 3AR,5R,6S,7R,7AR-5-HYDROXYMETHYL-2-METHYL-5,6,7,7A-TETRAHYDRO-3AH-PYRANO[3,2-D]THIAZOLE-6,7-DIOL 'C8 H13 N O4 S'
PEG non-polymer DI(HYDROXYETHYL)ETHER 'C4 H10 O3'
#
# COMPACT_ATOMS: atom_id res chain seq x y z
N ALA A 1 47.91 -16.59 -32.01
CA ALA A 1 46.58 -15.92 -32.20
C ALA A 1 45.79 -15.83 -30.88
N ALA A 2 44.94 -14.82 -30.76
CA ALA A 2 43.96 -14.74 -29.65
C ALA A 2 42.98 -15.94 -29.74
N PRO A 3 42.27 -16.25 -28.66
CA PRO A 3 41.36 -17.38 -28.66
C PRO A 3 40.18 -17.20 -29.61
N GLY A 4 39.52 -18.32 -29.94
CA GLY A 4 38.27 -18.28 -30.73
C GLY A 4 37.19 -17.52 -29.96
N LYS A 5 36.14 -17.11 -30.66
CA LYS A 5 35.03 -16.38 -30.02
C LYS A 5 34.00 -17.36 -29.43
N PRO A 6 33.85 -17.37 -28.10
CA PRO A 6 32.88 -18.34 -27.55
C PRO A 6 31.40 -17.92 -27.81
N THR A 7 30.53 -18.93 -27.78
CA THR A 7 29.10 -18.83 -27.87
C THR A 7 28.54 -19.14 -26.49
N ILE A 8 27.70 -18.25 -25.98
CA ILE A 8 27.06 -18.48 -24.70
C ILE A 8 26.02 -19.60 -24.84
N ALA A 9 26.02 -20.54 -23.92
CA ALA A 9 25.01 -21.63 -23.97
C ALA A 9 23.62 -21.08 -23.64
N TRP A 10 22.58 -21.62 -24.32
CA TRP A 10 21.19 -21.32 -23.89
C TRP A 10 20.99 -21.82 -22.48
N GLY A 11 20.30 -21.03 -21.64
CA GLY A 11 20.03 -21.51 -20.30
C GLY A 11 19.33 -20.40 -19.52
N ASN A 12 19.06 -20.62 -18.26
CA ASN A 12 18.34 -19.58 -17.53
CA ASN A 12 18.40 -19.62 -17.41
C ASN A 12 19.16 -18.31 -17.50
N THR A 13 18.48 -17.17 -17.59
CA THR A 13 19.21 -15.87 -17.52
C THR A 13 18.66 -14.93 -16.43
N LYS A 14 17.71 -15.43 -15.62
CA LYS A 14 17.14 -14.59 -14.55
C LYS A 14 17.44 -15.19 -13.21
N PHE A 15 18.05 -14.41 -12.32
CA PHE A 15 18.52 -14.87 -11.01
C PHE A 15 18.06 -13.84 -9.96
N ALA A 16 18.10 -14.20 -8.69
CA ALA A 16 17.53 -13.32 -7.67
C ALA A 16 18.37 -13.26 -6.43
N ILE A 17 18.50 -12.06 -5.87
CA ILE A 17 19.18 -11.85 -4.61
C ILE A 17 18.23 -12.24 -3.48
N VAL A 18 16.99 -11.81 -3.61
CA VAL A 18 15.92 -12.32 -2.69
C VAL A 18 15.11 -13.31 -3.57
N GLU A 19 15.15 -14.60 -3.22
CA GLU A 19 14.55 -15.65 -4.06
CA GLU A 19 14.53 -15.64 -4.05
C GLU A 19 13.15 -15.97 -3.53
N VAL A 20 12.21 -16.15 -4.43
CA VAL A 20 10.88 -16.57 -3.99
C VAL A 20 10.74 -18.04 -4.41
N ASP A 21 10.55 -18.92 -3.44
CA ASP A 21 10.36 -20.35 -3.73
C ASP A 21 8.98 -20.50 -4.36
N GLN A 22 8.93 -21.07 -5.56
CA GLN A 22 7.67 -21.18 -6.31
C GLN A 22 6.71 -22.31 -5.85
N ALA A 23 7.15 -23.16 -4.94
CA ALA A 23 6.22 -24.16 -4.40
C ALA A 23 6.32 -24.15 -2.88
N ALA A 24 5.89 -23.04 -2.27
CA ALA A 24 5.90 -22.96 -0.80
C ALA A 24 4.76 -22.03 -0.44
N THR A 25 4.03 -22.34 0.62
CA THR A 25 2.91 -21.45 1.05
C THR A 25 3.21 -20.71 2.34
N ALA A 26 4.27 -21.11 3.06
CA ALA A 26 4.64 -20.50 4.35
C ALA A 26 5.62 -19.37 4.04
N TYR A 27 5.34 -18.19 4.58
CA TYR A 27 6.21 -17.03 4.34
C TYR A 27 7.70 -17.36 4.63
N ASN A 28 8.00 -18.04 5.72
CA ASN A 28 9.40 -18.36 6.04
C ASN A 28 10.14 -19.19 4.95
N ASN A 29 9.39 -20.03 4.25
CA ASN A 29 9.99 -20.83 3.16
C ASN A 29 9.87 -20.13 1.80
N LEU A 30 8.81 -19.37 1.64
CA LEU A 30 8.55 -18.62 0.41
C LEU A 30 9.68 -17.62 0.05
N VAL A 31 10.26 -16.98 1.07
CA VAL A 31 11.18 -15.86 0.82
C VAL A 31 12.55 -16.24 1.32
N LYS A 32 13.53 -16.26 0.41
CA LYS A 32 14.89 -16.54 0.89
C LYS A 32 15.76 -15.35 0.57
N VAL A 33 16.21 -14.63 1.60
CA VAL A 33 17.07 -13.45 1.42
C VAL A 33 18.53 -13.94 1.37
N LYS A 34 19.24 -13.65 0.29
CA LYS A 34 20.65 -14.01 0.23
C LYS A 34 21.45 -12.73 0.16
N ASN A 35 22.74 -12.80 0.45
CA ASN A 35 23.63 -11.64 0.28
C ASN A 35 23.93 -11.34 -1.20
N ALA A 36 23.71 -12.34 -2.08
CA ALA A 36 24.00 -12.12 -3.50
C ALA A 36 23.28 -13.21 -4.28
N ALA A 37 22.94 -12.93 -5.53
CA ALA A 37 22.33 -13.96 -6.40
C ALA A 37 23.39 -14.96 -6.83
N ASP A 38 22.98 -16.21 -7.00
CA ASP A 38 23.89 -17.28 -7.47
C ASP A 38 23.59 -17.33 -8.96
N VAL A 39 24.57 -16.99 -9.78
CA VAL A 39 24.35 -16.85 -11.22
C VAL A 39 25.19 -18.00 -11.85
N SER A 40 24.71 -18.53 -12.97
CA SER A 40 25.45 -19.58 -13.72
CA SER A 40 25.46 -19.58 -13.71
C SER A 40 25.44 -19.23 -15.19
N VAL A 41 26.59 -19.40 -15.88
CA VAL A 41 26.70 -19.13 -17.31
C VAL A 41 27.53 -20.29 -17.87
N SER A 42 27.14 -20.80 -19.04
CA SER A 42 27.93 -21.90 -19.69
C SER A 42 28.24 -21.40 -21.10
N TRP A 43 29.22 -22.00 -21.79
CA TRP A 43 29.58 -21.56 -23.10
C TRP A 43 30.18 -22.77 -23.87
N ASN A 44 30.21 -22.63 -25.19
CA ASN A 44 30.89 -23.62 -26.06
C ASN A 44 31.81 -22.83 -26.98
N LEU A 45 32.91 -23.44 -27.40
CA LEU A 45 33.70 -22.82 -28.44
C LEU A 45 33.69 -23.76 -29.64
N TRP A 46 33.13 -23.27 -30.74
CA TRP A 46 32.95 -24.08 -31.94
C TRP A 46 34.10 -23.89 -32.94
N ASN A 47 34.92 -22.84 -32.77
CA ASN A 47 36.06 -22.61 -33.67
C ASN A 47 37.24 -22.09 -32.92
N GLY A 48 38.39 -22.74 -33.07
CA GLY A 48 39.65 -22.11 -32.68
C GLY A 48 40.17 -22.59 -31.32
N ASP A 49 41.08 -21.80 -30.76
CA ASP A 49 41.83 -22.15 -29.56
C ASP A 49 40.97 -21.69 -28.36
N THR A 50 40.82 -22.52 -27.33
CA THR A 50 39.93 -22.12 -26.21
C THR A 50 40.59 -21.13 -25.27
N GLY A 51 41.83 -20.70 -25.55
CA GLY A 51 42.48 -19.74 -24.64
C GLY A 51 42.99 -20.40 -23.36
N THR A 52 43.56 -19.60 -22.46
CA THR A 52 43.96 -20.18 -21.16
C THR A 52 43.16 -19.64 -19.98
N THR A 53 42.46 -18.51 -20.10
CA THR A 53 41.58 -18.09 -18.97
C THR A 53 40.22 -17.80 -19.58
N ALA A 54 39.15 -18.20 -18.87
CA ALA A 54 37.79 -17.83 -19.28
C ALA A 54 37.28 -16.82 -18.23
N LYS A 55 36.55 -15.80 -18.65
CA LYS A 55 36.05 -14.75 -17.74
C LYS A 55 34.57 -14.58 -18.03
N ILE A 56 33.79 -14.28 -16.99
CA ILE A 56 32.43 -13.74 -17.22
C ILE A 56 32.49 -12.25 -16.94
N LEU A 57 32.10 -11.45 -17.93
CA LEU A 57 32.03 -10.01 -17.81
C LEU A 57 30.55 -9.56 -17.69
N LEU A 58 30.29 -8.62 -16.78
CA LEU A 58 28.99 -7.94 -16.67
C LEU A 58 29.23 -6.47 -16.96
N ASN A 59 28.70 -5.98 -18.07
CA ASN A 59 29.01 -4.62 -18.59
C ASN A 59 30.53 -4.39 -18.61
N GLY A 60 31.28 -5.41 -19.02
CA GLY A 60 32.75 -5.28 -19.16
C GLY A 60 33.53 -5.66 -17.91
N LYS A 61 32.87 -5.73 -16.76
CA LYS A 61 33.56 -5.96 -15.52
C LYS A 61 33.53 -7.42 -15.10
N GLU A 62 34.71 -7.98 -14.79
CA GLU A 62 34.83 -9.38 -14.46
C GLU A 62 34.04 -9.76 -13.20
N ALA A 63 33.20 -10.80 -13.32
CA ALA A 63 32.46 -11.35 -12.18
C ALA A 63 32.98 -12.71 -11.78
N TRP A 64 33.78 -13.33 -12.66
CA TRP A 64 34.30 -14.66 -12.42
C TRP A 64 35.45 -14.89 -13.42
N SER A 65 36.46 -15.65 -13.04
CA SER A 65 37.46 -16.08 -14.04
C SER A 65 38.02 -17.41 -13.56
N GLY A 66 38.50 -18.21 -14.48
CA GLY A 66 39.18 -19.39 -14.06
C GLY A 66 39.92 -19.93 -15.28
N PRO A 67 40.59 -21.09 -15.11
CA PRO A 67 41.28 -21.63 -16.28
C PRO A 67 40.34 -22.15 -17.36
N SER A 68 40.72 -21.95 -18.62
CA SER A 68 39.91 -22.41 -19.73
C SER A 68 40.44 -23.81 -20.11
N THR A 69 39.70 -24.86 -19.80
CA THR A 69 40.26 -26.21 -19.90
C THR A 69 39.66 -27.09 -20.99
N GLY A 70 38.73 -26.55 -21.75
CA GLY A 70 38.10 -27.34 -22.81
C GLY A 70 37.15 -26.50 -23.64
N SER A 71 36.51 -27.20 -24.58
CA SER A 71 35.66 -26.56 -25.54
C SER A 71 34.36 -26.07 -24.94
N SER A 72 33.98 -26.56 -23.77
CA SER A 72 32.76 -26.06 -23.10
C SER A 72 33.09 -25.76 -21.66
N GLY A 73 32.38 -24.81 -21.05
CA GLY A 73 32.69 -24.53 -19.65
C GLY A 73 31.47 -23.98 -18.97
N THR A 74 31.49 -24.03 -17.64
CA THR A 74 30.42 -23.43 -16.81
C THR A 74 31.11 -22.58 -15.71
N ALA A 75 30.55 -21.41 -15.44
CA ALA A 75 30.96 -20.52 -14.32
C ALA A 75 29.80 -20.35 -13.34
N ASN A 76 30.04 -20.62 -12.06
CA ASN A 76 29.03 -20.33 -11.02
C ASN A 76 29.61 -19.23 -10.14
N PHE A 77 28.87 -18.14 -9.98
CA PHE A 77 29.43 -16.98 -9.27
C PHE A 77 28.29 -16.18 -8.66
N LYS A 78 28.66 -15.21 -7.83
CA LYS A 78 27.70 -14.41 -7.09
C LYS A 78 27.66 -12.99 -7.60
N VAL A 79 26.46 -12.38 -7.63
CA VAL A 79 26.34 -11.00 -8.03
C VAL A 79 25.51 -10.31 -6.93
N ASN A 80 26.08 -9.26 -6.31
CA ASN A 80 25.39 -8.71 -5.14
C ASN A 80 24.61 -7.43 -5.38
N LYS A 81 24.43 -7.04 -6.64
CA LYS A 81 23.73 -5.84 -6.95
C LYS A 81 22.72 -6.11 -8.06
N GLY A 82 21.47 -5.75 -7.83
CA GLY A 82 20.43 -5.93 -8.84
C GLY A 82 20.59 -5.10 -10.08
N GLY A 83 20.02 -5.58 -11.20
CA GLY A 83 20.09 -4.86 -12.47
C GLY A 83 19.91 -5.82 -13.66
N ARG A 84 19.85 -5.24 -14.85
CA ARG A 84 19.96 -6.02 -16.09
C ARG A 84 21.39 -5.71 -16.62
N TYR A 85 22.17 -6.76 -16.91
CA TYR A 85 23.58 -6.64 -17.23
C TYR A 85 23.76 -7.25 -18.63
N GLN A 86 24.64 -6.64 -19.41
CA GLN A 86 25.11 -7.20 -20.67
C GLN A 86 26.25 -8.14 -20.31
N MET A 87 25.96 -9.44 -20.28
CA MET A 87 26.92 -10.46 -19.88
C MET A 87 27.64 -10.99 -21.11
N GLN A 88 28.94 -11.18 -20.96
CA GLN A 88 29.73 -11.80 -22.05
C GLN A 88 30.61 -12.85 -21.45
N VAL A 89 30.98 -13.84 -22.26
CA VAL A 89 32.02 -14.76 -21.83
C VAL A 89 33.25 -14.33 -22.67
N ALA A 90 34.43 -14.22 -22.05
CA ALA A 90 35.61 -13.84 -22.82
C ALA A 90 36.63 -14.97 -22.59
N LEU A 91 37.33 -15.34 -23.66
CA LEU A 91 38.44 -16.33 -23.56
C LEU A 91 39.72 -15.57 -23.86
N CYS A 92 40.73 -15.73 -23.00
CA CYS A 92 41.92 -14.89 -23.07
C CYS A 92 43.17 -15.79 -23.07
N ASN A 93 44.17 -15.35 -23.78
CA ASN A 93 45.50 -15.93 -23.63
C ASN A 93 46.50 -14.79 -23.70
N ALA A 94 47.78 -15.12 -23.86
CA ALA A 94 48.83 -14.11 -23.88
C ALA A 94 48.70 -13.18 -25.07
N ASP A 95 47.99 -13.63 -26.09
CA ASP A 95 47.86 -12.84 -27.32
C ASP A 95 46.56 -12.05 -27.40
N GLY A 96 45.74 -12.08 -26.35
CA GLY A 96 44.56 -11.21 -26.28
C GLY A 96 43.33 -11.92 -25.78
N CYS A 97 42.22 -11.17 -25.73
CA CYS A 97 40.95 -11.70 -25.20
C CYS A 97 39.91 -11.61 -26.32
N THR A 98 39.06 -12.64 -26.42
CA THR A 98 38.03 -12.64 -27.43
C THR A 98 36.71 -12.85 -26.68
N ALA A 99 35.81 -11.89 -26.79
CA ALA A 99 34.55 -11.89 -26.03
C ALA A 99 33.38 -12.32 -26.91
N SER A 100 32.47 -13.08 -26.31
CA SER A 100 31.24 -13.48 -26.96
C SER A 100 30.37 -12.26 -27.27
N ASP A 101 29.34 -12.45 -28.10
CA ASP A 101 28.25 -11.46 -28.14
C ASP A 101 27.64 -11.41 -26.75
N ALA A 102 27.01 -10.27 -26.42
CA ALA A 102 26.40 -10.08 -25.09
C ALA A 102 25.04 -10.77 -24.97
N THR A 103 24.74 -11.39 -23.82
CA THR A 103 23.40 -11.89 -23.53
C THR A 103 22.98 -11.11 -22.27
N GLU A 104 21.79 -10.50 -22.30
CA GLU A 104 21.30 -9.80 -21.11
C GLU A 104 20.97 -10.78 -20.02
N ILE A 105 21.42 -10.52 -18.81
CA ILE A 105 20.94 -11.33 -17.69
C ILE A 105 20.23 -10.43 -16.66
N VAL A 106 19.33 -11.03 -15.91
CA VAL A 106 18.58 -10.35 -14.85
C VAL A 106 19.07 -10.79 -13.50
N VAL A 107 19.44 -9.83 -12.65
CA VAL A 107 19.83 -10.13 -11.28
C VAL A 107 18.79 -9.30 -10.50
N ALA A 108 17.78 -10.00 -9.99
CA ALA A 108 16.58 -9.31 -9.39
C ALA A 108 16.90 -8.91 -7.97
N ASP A 109 16.37 -7.76 -7.58
CA ASP A 109 16.40 -7.36 -6.19
C ASP A 109 15.12 -6.55 -5.97
N THR A 110 14.73 -6.41 -4.69
CA THR A 110 13.37 -5.98 -4.37
C THR A 110 13.18 -4.45 -4.39
N ASP A 111 14.23 -3.73 -4.79
CA ASP A 111 14.10 -2.32 -5.11
C ASP A 111 13.59 -2.14 -6.54
N GLY A 112 13.50 -3.27 -7.29
CA GLY A 112 13.05 -3.27 -8.69
C GLY A 112 14.20 -2.82 -9.65
N SER A 113 15.43 -2.85 -9.21
CA SER A 113 16.60 -2.41 -10.03
C SER A 113 16.72 -3.22 -11.33
N HIS A 114 16.09 -4.40 -11.36
CA HIS A 114 16.15 -5.26 -12.56
C HIS A 114 14.95 -5.05 -13.48
N LEU A 115 14.03 -4.15 -13.11
CA LEU A 115 12.77 -4.01 -13.86
C LEU A 115 12.66 -2.78 -14.75
N ALA A 116 12.13 -2.96 -15.95
CA ALA A 116 11.71 -1.81 -16.76
C ALA A 116 10.66 -1.02 -15.95
N PRO A 117 10.70 0.33 -16.08
CA PRO A 117 9.71 1.12 -15.34
C PRO A 117 8.29 0.86 -15.78
N LEU A 118 7.37 0.78 -14.81
CA LEU A 118 5.95 0.65 -15.09
C LEU A 118 5.36 2.05 -15.21
N LYS A 119 5.24 2.53 -16.45
CA LYS A 119 4.77 3.89 -16.75
C LYS A 119 3.53 3.75 -17.60
N GLU A 120 2.36 3.75 -17.00
CA GLU A 120 1.19 3.37 -17.73
C GLU A 120 0.31 4.58 -17.92
N PRO A 121 -0.46 4.58 -19.01
CA PRO A 121 -1.30 5.76 -19.25
C PRO A 121 -2.38 5.88 -18.20
N LEU A 122 -2.84 7.09 -17.92
CA LEU A 122 -3.99 7.32 -17.02
C LEU A 122 -5.24 6.75 -17.65
N LEU A 123 -6.09 6.16 -16.83
CA LEU A 123 -7.30 5.54 -17.30
C LEU A 123 -8.51 6.29 -16.84
N GLU A 124 -9.68 5.86 -17.32
CA GLU A 124 -10.96 6.48 -16.97
C GLU A 124 -10.90 8.01 -17.04
N LYS A 125 -11.32 8.70 -15.98
CA LYS A 125 -11.37 10.17 -15.98
C LYS A 125 -10.16 10.84 -15.35
N ASN A 126 -9.14 10.07 -14.99
CA ASN A 126 -7.95 10.62 -14.35
C ASN A 126 -7.23 11.58 -15.33
N LYS A 127 -6.85 12.74 -14.82
CA LYS A 127 -6.12 13.73 -15.58
C LYS A 127 -4.80 13.95 -14.86
N PRO A 128 -3.74 14.32 -15.62
CA PRO A 128 -2.41 14.45 -15.02
C PRO A 128 -2.20 15.72 -14.19
N TYR A 129 -1.63 15.53 -12.99
CA TYR A 129 -1.25 16.60 -12.09
C TYR A 129 0.23 16.50 -11.74
N LYS A 130 0.86 17.63 -11.49
CA LYS A 130 2.22 17.63 -10.95
C LYS A 130 2.13 17.70 -9.44
N GLN A 131 3.03 17.01 -8.75
CA GLN A 131 2.99 17.05 -7.29
C GLN A 131 3.82 18.25 -6.85
N ASN A 132 3.30 19.46 -6.99
CA ASN A 132 4.14 20.65 -6.64
C ASN A 132 3.54 21.53 -5.54
N SER A 133 2.48 21.05 -4.89
CA SER A 133 1.85 21.81 -3.80
C SER A 133 2.62 21.64 -2.51
N GLY A 134 3.45 20.60 -2.44
CA GLY A 134 4.11 20.23 -1.18
C GLY A 134 3.14 19.60 -0.15
N LYS A 135 1.93 19.26 -0.56
CA LYS A 135 0.94 18.60 0.32
C LYS A 135 0.88 17.11 0.00
N VAL A 136 0.53 16.32 1.03
CA VAL A 136 0.24 14.88 0.84
C VAL A 136 -0.97 14.62 -0.06
N VAL A 137 -0.82 13.70 -1.03
CA VAL A 137 -1.95 13.22 -1.80
C VAL A 137 -1.81 11.70 -1.77
N GLY A 138 -2.63 11.05 -0.95
CA GLY A 138 -2.44 9.61 -0.69
C GLY A 138 -3.67 8.82 -1.08
N SER A 139 -3.46 7.53 -1.34
CA SER A 139 -4.59 6.62 -1.44
C SER A 139 -4.11 5.21 -1.06
N TYR A 140 -5.07 4.35 -0.72
CA TYR A 140 -4.79 2.94 -0.40
C TYR A 140 -5.12 2.03 -1.58
N PHE A 141 -4.19 1.13 -1.92
CA PHE A 141 -4.41 0.07 -2.89
C PHE A 141 -4.56 -1.21 -2.04
N VAL A 142 -5.59 -2.03 -2.35
CA VAL A 142 -5.83 -3.25 -1.55
C VAL A 142 -5.35 -4.49 -2.25
N GLU A 143 -4.66 -5.35 -1.49
CA GLU A 143 -4.07 -6.57 -2.05
C GLU A 143 -5.10 -7.47 -2.76
N TRP A 144 -6.26 -7.60 -2.14
CA TRP A 144 -7.32 -8.52 -2.66
C TRP A 144 -8.08 -7.88 -3.86
N GLY A 145 -7.74 -6.64 -4.22
CA GLY A 145 -8.48 -5.90 -5.29
C GLY A 145 -8.16 -6.45 -6.68
N VAL A 146 -7.20 -7.37 -6.78
CA VAL A 146 -6.80 -7.88 -8.09
C VAL A 146 -7.73 -9.01 -8.58
N TYR A 147 -8.66 -9.43 -7.73
CA TYR A 147 -9.52 -10.52 -8.07
C TYR A 147 -10.80 -9.93 -8.64
N GLY A 148 -11.89 -9.99 -7.88
CA GLY A 148 -13.15 -9.48 -8.34
C GLY A 148 -13.16 -8.04 -8.82
N ARG A 149 -12.46 -7.16 -8.09
CA ARG A 149 -12.42 -5.77 -8.47
C ARG A 149 -11.52 -5.53 -9.70
N ASN A 150 -10.70 -6.51 -10.05
CA ASN A 150 -9.85 -6.48 -11.23
C ASN A 150 -8.98 -5.22 -11.32
N PHE A 151 -8.53 -4.71 -10.17
CA PHE A 151 -7.75 -3.47 -10.19
C PHE A 151 -6.35 -3.77 -9.74
N THR A 152 -5.41 -3.56 -10.65
CA THR A 152 -4.05 -3.98 -10.51
C THR A 152 -3.17 -2.72 -10.42
N VAL A 153 -1.92 -2.91 -10.04
CA VAL A 153 -1.01 -1.78 -9.81
C VAL A 153 -0.83 -0.96 -11.11
N ASP A 154 -0.91 -1.60 -12.29
CA ASP A 154 -0.73 -0.82 -13.52
C ASP A 154 -1.91 0.11 -13.74
N LYS A 155 -3.00 -0.09 -13.02
CA LYS A 155 -4.13 0.83 -13.13
C LYS A 155 -4.09 2.01 -12.15
N ILE A 156 -3.12 2.01 -11.26
CA ILE A 156 -3.00 3.14 -10.33
C ILE A 156 -2.54 4.41 -11.09
N PRO A 157 -3.23 5.53 -10.90
CA PRO A 157 -2.77 6.83 -11.45
C PRO A 157 -1.66 7.40 -10.61
N ALA A 158 -0.49 6.76 -10.70
CA ALA A 158 0.55 6.96 -9.71
C ALA A 158 1.19 8.37 -9.76
N GLN A 159 1.17 9.01 -10.94
CA GLN A 159 1.76 10.36 -11.05
C GLN A 159 0.98 11.36 -10.18
N ASN A 160 -0.26 11.02 -9.87
CA ASN A 160 -1.21 11.86 -9.11
C ASN A 160 -1.26 11.63 -7.60
N LEU A 161 -0.23 10.97 -7.10
CA LEU A 161 -0.12 10.67 -5.68
C LEU A 161 1.24 11.03 -5.17
N THR A 162 1.33 11.41 -3.89
CA THR A 162 2.63 11.46 -3.23
C THR A 162 2.88 10.18 -2.41
N HIS A 163 1.80 9.55 -1.98
CA HIS A 163 1.80 8.38 -1.09
C HIS A 163 0.87 7.32 -1.58
N LEU A 164 1.38 6.10 -1.67
CA LEU A 164 0.52 4.99 -2.06
C LEU A 164 0.64 3.96 -0.93
N LEU A 165 -0.48 3.67 -0.28
CA LEU A 165 -0.47 2.77 0.87
C LEU A 165 -1.04 1.40 0.46
N TYR A 166 -0.35 0.35 0.89
CA TYR A 166 -0.68 -1.03 0.53
C TYR A 166 -1.46 -1.72 1.65
N GLY A 167 -2.76 -1.88 1.47
CA GLY A 167 -3.62 -2.53 2.48
C GLY A 167 -3.82 -4.03 2.15
N PHE A 168 -3.45 -4.96 3.03
CA PHE A 168 -2.79 -4.72 4.31
C PHE A 168 -1.81 -5.82 4.58
N ILE A 169 -0.78 -5.49 5.33
CA ILE A 169 0.19 -6.47 5.79
C ILE A 169 -0.30 -6.98 7.13
N PRO A 170 -0.46 -8.31 7.27
CA PRO A 170 -0.97 -8.87 8.52
C PRO A 170 0.14 -9.11 9.55
N ILE A 171 -0.26 -9.37 10.79
CA ILE A 171 0.63 -9.78 11.87
C ILE A 171 0.26 -11.22 12.21
N CYS A 172 1.25 -12.13 12.23
CA CYS A 172 0.97 -13.55 12.48
C CYS A 172 0.33 -13.78 13.87
N GLY A 173 -0.63 -14.71 13.90
CA GLY A 173 -1.18 -15.19 15.16
C GLY A 173 -2.47 -15.96 14.88
N GLY A 174 -2.66 -17.04 15.64
CA GLY A 174 -3.86 -17.82 15.53
C GLY A 174 -4.94 -17.43 16.53
N ASN A 175 -5.48 -18.45 17.21
CA ASN A 175 -6.65 -18.24 18.07
C ASN A 175 -6.36 -17.21 19.15
N GLY A 176 -7.30 -16.28 19.33
CA GLY A 176 -7.16 -15.23 20.35
C GLY A 176 -6.33 -14.04 19.86
N ILE A 177 -5.67 -14.17 18.70
CA ILE A 177 -4.78 -13.11 18.24
C ILE A 177 -5.34 -12.44 16.98
N ASN A 178 -5.88 -13.25 16.05
CA ASN A 178 -6.51 -12.73 14.82
C ASN A 178 -7.93 -13.24 14.64
N ASP A 179 -8.66 -13.30 15.76
CA ASP A 179 -10.04 -13.80 15.70
C ASP A 179 -10.95 -12.95 14.78
N SER A 180 -10.69 -11.65 14.63
CA SER A 180 -11.51 -10.85 13.70
C SER A 180 -11.45 -11.35 12.25
N LEU A 181 -10.37 -12.02 11.86
CA LEU A 181 -10.30 -12.57 10.50
C LEU A 181 -11.31 -13.64 10.23
N LYS A 182 -11.76 -14.31 11.30
CA LYS A 182 -12.63 -15.47 11.15
C LYS A 182 -13.98 -15.13 10.52
N GLU A 183 -14.35 -13.84 10.52
CA GLU A 183 -15.63 -13.40 9.92
C GLU A 183 -15.59 -13.42 8.41
N ILE A 184 -14.40 -13.56 7.80
CA ILE A 184 -14.29 -13.65 6.36
C ILE A 184 -13.86 -15.05 6.00
N GLU A 185 -14.67 -15.72 5.18
CA GLU A 185 -14.42 -17.11 4.82
C GLU A 185 -13.00 -17.31 4.31
N GLY A 186 -12.32 -18.31 4.87
CA GLY A 186 -10.98 -18.68 4.47
C GLY A 186 -9.84 -17.73 4.91
N SER A 187 -10.17 -16.56 5.44
CA SER A 187 -9.13 -15.53 5.66
C SER A 187 -8.19 -15.87 6.81
N PHE A 188 -8.77 -16.36 7.92
CA PHE A 188 -7.98 -16.74 9.08
C PHE A 188 -7.12 -17.92 8.74
N GLN A 189 -7.68 -18.87 7.97
CA GLN A 189 -6.90 -20.02 7.57
C GLN A 189 -5.73 -19.67 6.62
N ALA A 190 -5.97 -18.73 5.69
CA ALA A 190 -4.90 -18.30 4.75
C ALA A 190 -3.74 -17.72 5.59
N LEU A 191 -4.11 -16.94 6.60
CA LEU A 191 -3.05 -16.35 7.47
C LEU A 191 -2.27 -17.42 8.23
N GLN A 192 -2.97 -18.42 8.81
CA GLN A 192 -2.23 -19.48 9.54
C GLN A 192 -1.31 -20.23 8.62
N ARG A 193 -1.71 -20.37 7.35
CA ARG A 193 -0.85 -21.10 6.43
C ARG A 193 0.39 -20.27 6.07
N SER A 194 0.17 -18.99 5.75
CA SER A 194 1.28 -18.08 5.48
C SER A 194 2.28 -18.04 6.69
N CYS A 195 1.72 -18.08 7.90
CA CYS A 195 2.51 -17.95 9.14
C CYS A 195 2.96 -19.29 9.70
N GLN A 196 2.84 -20.37 8.94
CA GLN A 196 3.28 -21.66 9.48
C GLN A 196 4.78 -21.65 9.82
N GLY A 197 5.15 -22.07 11.02
CA GLY A 197 6.57 -22.07 11.44
C GLY A 197 7.10 -20.68 11.85
N ARG A 198 6.24 -19.66 11.83
CA ARG A 198 6.70 -18.27 12.04
C ARG A 198 6.14 -17.82 13.37
N GLU A 199 6.92 -17.10 14.15
CA GLU A 199 6.41 -16.65 15.46
C GLU A 199 5.23 -15.68 15.39
N ASP A 200 4.30 -15.85 16.34
CA ASP A 200 3.26 -14.86 16.44
C ASP A 200 3.84 -13.46 16.69
N PHE A 201 3.11 -12.44 16.26
CA PHE A 201 3.47 -11.02 16.39
C PHE A 201 4.52 -10.54 15.41
N LYS A 202 4.96 -11.43 14.52
CA LYS A 202 5.78 -11.02 13.33
C LYS A 202 4.88 -10.74 12.10
N VAL A 203 5.27 -9.80 11.23
CA VAL A 203 4.45 -9.53 10.06
C VAL A 203 4.63 -10.66 9.03
N SER A 204 3.67 -10.77 8.14
CA SER A 204 3.79 -11.76 7.07
C SER A 204 3.09 -11.12 5.84
N ILE A 205 2.71 -11.95 4.88
CA ILE A 205 1.96 -11.49 3.72
C ILE A 205 0.69 -12.32 3.75
N HIS A 206 -0.46 -11.70 3.61
CA HIS A 206 -1.71 -12.40 3.78
C HIS A 206 -2.03 -13.31 2.58
N ASP A 207 -1.81 -12.78 1.37
CA ASP A 207 -2.05 -13.57 0.14
C ASP A 207 -0.78 -13.54 -0.69
N PRO A 208 0.13 -14.52 -0.48
CA PRO A 208 1.40 -14.46 -1.22
C PRO A 208 1.25 -14.61 -2.74
N PHE A 209 0.18 -15.28 -3.17
CA PHE A 209 -0.08 -15.41 -4.61
C PHE A 209 -0.32 -14.00 -5.25
N ALA A 210 -1.27 -13.27 -4.73
CA ALA A 210 -1.58 -11.94 -5.24
C ALA A 210 -0.36 -11.02 -5.05
N ALA A 211 0.39 -11.17 -3.95
CA ALA A 211 1.52 -10.27 -3.70
C ALA A 211 2.72 -10.55 -4.59
N LEU A 212 2.99 -11.82 -4.92
CA LEU A 212 4.30 -12.15 -5.48
C LEU A 212 4.32 -12.98 -6.76
N GLN A 213 3.19 -13.61 -7.05
CA GLN A 213 3.14 -14.67 -8.08
C GLN A 213 2.12 -14.51 -9.22
N LYS A 214 1.01 -13.82 -8.98
CA LYS A 214 0.00 -13.65 -10.01
C LYS A 214 0.59 -12.86 -11.19
N ALA A 215 0.41 -13.38 -12.42
CA ALA A 215 0.98 -12.71 -13.60
C ALA A 215 0.30 -11.35 -13.69
N GLN A 216 1.10 -10.31 -13.96
CA GLN A 216 0.57 -8.97 -14.14
C GLN A 216 1.43 -8.24 -15.18
N LYS A 217 0.89 -7.15 -15.72
CA LYS A 217 1.58 -6.37 -16.74
C LYS A 217 3.01 -6.02 -16.34
N GLY A 218 3.98 -6.33 -17.19
CA GLY A 218 5.39 -6.14 -16.86
C GLY A 218 6.07 -7.34 -16.22
N VAL A 219 5.29 -8.23 -15.59
CA VAL A 219 5.84 -9.35 -14.82
C VAL A 219 5.03 -10.62 -15.17
N THR A 220 5.07 -10.96 -16.45
CA THR A 220 4.25 -11.98 -16.99
C THR A 220 5.11 -13.19 -17.43
N ALA A 221 6.44 -13.04 -17.51
CA ALA A 221 7.30 -14.16 -17.96
C ALA A 221 7.50 -15.16 -16.85
N TRP A 222 7.43 -16.47 -17.15
CA TRP A 222 7.43 -17.47 -16.05
C TRP A 222 8.62 -17.37 -15.12
N ASP A 223 9.75 -16.95 -15.68
CA ASP A 223 11.01 -16.89 -14.95
C ASP A 223 11.28 -15.50 -14.27
N ASP A 224 10.34 -14.59 -14.38
CA ASP A 224 10.46 -13.28 -13.63
C ASP A 224 10.48 -13.54 -12.10
N PRO A 225 11.55 -13.12 -11.40
CA PRO A 225 11.62 -13.56 -10.02
C PRO A 225 10.48 -13.01 -9.17
N TYR A 226 9.97 -11.80 -9.47
CA TYR A 226 8.85 -11.21 -8.73
C TYR A 226 7.74 -10.88 -9.67
N LYS A 227 6.55 -11.31 -9.29
CA LYS A 227 5.37 -10.96 -10.04
C LYS A 227 4.35 -10.38 -9.06
N GLY A 228 3.07 -10.43 -9.41
CA GLY A 228 2.03 -9.96 -8.48
C GLY A 228 2.12 -8.47 -8.14
N ASN A 229 1.51 -8.06 -7.02
CA ASN A 229 1.46 -6.62 -6.63
C ASN A 229 2.84 -6.11 -6.31
N PHE A 230 3.68 -6.94 -5.65
CA PHE A 230 5.00 -6.50 -5.23
C PHE A 230 5.92 -6.32 -6.44
N GLY A 231 5.88 -7.26 -7.40
CA GLY A 231 6.71 -7.06 -8.60
C GLY A 231 6.28 -5.80 -9.33
N GLN A 232 4.98 -5.56 -9.45
CA GLN A 232 4.57 -4.34 -10.14
C GLN A 232 4.90 -3.08 -9.33
N LEU A 233 4.78 -3.17 -8.00
CA LEU A 233 5.16 -1.97 -7.19
C LEU A 233 6.64 -1.66 -7.31
N MET A 234 7.48 -2.70 -7.49
CA MET A 234 8.90 -2.47 -7.69
C MET A 234 9.10 -1.69 -9.00
N ALA A 235 8.40 -2.13 -10.05
CA ALA A 235 8.51 -1.50 -11.41
C ALA A 235 7.93 -0.09 -11.36
N LEU A 236 6.84 0.08 -10.59
CA LEU A 236 6.24 1.40 -10.38
C LEU A 236 7.21 2.37 -9.70
N LYS A 237 7.97 1.87 -8.72
CA LYS A 237 8.98 2.67 -8.05
C LYS A 237 10.06 3.11 -9.05
N GLN A 238 10.38 2.25 -10.02
CA GLN A 238 11.31 2.64 -11.07
C GLN A 238 10.79 3.79 -11.94
N ALA A 239 9.48 3.80 -12.19
CA ALA A 239 8.87 4.86 -12.93
C ALA A 239 8.69 6.12 -12.10
N HIS A 240 8.53 5.94 -10.78
CA HIS A 240 8.17 7.05 -9.87
C HIS A 240 9.02 7.01 -8.64
N PRO A 241 10.32 7.40 -8.77
CA PRO A 241 11.23 7.19 -7.68
C PRO A 241 10.93 8.08 -6.44
N ASP A 242 10.16 9.15 -6.60
CA ASP A 242 9.75 9.97 -5.48
C ASP A 242 8.42 9.57 -4.83
N LEU A 243 7.65 8.66 -5.45
CA LEU A 243 6.40 8.17 -4.83
C LEU A 243 6.75 7.44 -3.54
N LYS A 244 6.02 7.68 -2.46
CA LYS A 244 6.31 6.96 -1.20
CA LYS A 244 6.30 6.95 -1.20
C LYS A 244 5.35 5.79 -1.16
N ILE A 245 5.87 4.57 -1.12
CA ILE A 245 4.95 3.40 -1.10
C ILE A 245 5.05 2.81 0.30
N LEU A 246 3.96 2.83 1.07
CA LEU A 246 4.05 2.38 2.48
C LEU A 246 3.21 1.12 2.67
N PRO A 247 3.79 0.13 3.36
CA PRO A 247 2.99 -1.04 3.70
C PRO A 247 2.08 -0.66 4.87
N SER A 248 0.80 -0.91 4.76
CA SER A 248 -0.09 -0.59 5.89
CA SER A 248 -0.11 -0.58 5.90
C SER A 248 -0.35 -1.84 6.71
N ILE A 249 -0.05 -1.78 7.99
CA ILE A 249 -0.21 -2.95 8.88
C ILE A 249 -1.47 -2.74 9.72
N GLY A 250 -2.40 -3.69 9.63
CA GLY A 250 -3.63 -3.58 10.40
C GLY A 250 -4.89 -3.48 9.54
N GLY A 251 -5.67 -2.45 9.79
CA GLY A 251 -6.98 -2.32 9.16
C GLY A 251 -8.05 -2.97 10.00
N TRP A 252 -9.30 -2.87 9.53
CA TRP A 252 -10.41 -3.39 10.33
C TRP A 252 -10.25 -4.81 10.84
N THR A 253 -9.84 -5.71 9.98
CA THR A 253 -9.80 -7.14 10.33
C THR A 253 -8.46 -7.68 10.83
N LEU A 254 -7.41 -6.86 10.77
CA LEU A 254 -6.05 -7.36 11.11
C LEU A 254 -5.45 -6.53 12.27
N SER A 255 -6.30 -5.83 13.02
CA SER A 255 -5.85 -4.99 14.15
C SER A 255 -5.77 -5.75 15.50
N ASP A 256 -6.35 -6.96 15.60
CA ASP A 256 -6.35 -7.61 16.94
C ASP A 256 -4.94 -7.73 17.60
N PRO A 257 -3.88 -8.05 16.84
CA PRO A 257 -2.61 -8.29 17.50
C PRO A 257 -2.06 -7.05 18.23
N PHE A 258 -2.44 -5.84 17.78
CA PHE A 258 -1.89 -4.67 18.44
C PHE A 258 -2.26 -4.61 19.92
N PHE A 259 -3.43 -5.17 20.27
CA PHE A 259 -3.98 -5.07 21.63
C PHE A 259 -3.13 -5.87 22.64
N PHE A 260 -2.21 -6.68 22.13
CA PHE A 260 -1.29 -7.48 22.99
C PHE A 260 0.06 -6.80 23.20
N MET A 261 0.31 -5.71 22.48
CA MET A 261 1.71 -5.14 22.40
C MET A 261 2.13 -4.32 23.63
N GLY A 262 1.27 -4.28 24.64
CA GLY A 262 1.73 -3.77 25.97
C GLY A 262 2.79 -4.68 26.56
N ASP A 263 2.85 -5.93 26.09
CA ASP A 263 3.95 -6.82 26.39
C ASP A 263 5.15 -6.46 25.51
N LYS A 264 6.17 -5.85 26.10
CA LYS A 264 7.33 -5.43 25.28
C LYS A 264 8.04 -6.57 24.56
N VAL A 265 7.99 -7.79 25.09
CA VAL A 265 8.49 -8.94 24.33
C VAL A 265 7.80 -9.02 22.97
N LYS A 266 6.47 -8.94 22.92
CA LYS A 266 5.75 -8.99 21.63
C LYS A 266 6.03 -7.78 20.81
N ARG A 267 6.01 -6.61 21.45
CA ARG A 267 6.23 -5.38 20.70
C ARG A 267 7.61 -5.33 20.05
N ASP A 268 8.63 -5.73 20.80
CA ASP A 268 10.00 -5.83 20.23
C ASP A 268 10.03 -6.82 19.07
N ARG A 269 9.39 -7.97 19.24
CA ARG A 269 9.35 -8.92 18.15
C ARG A 269 8.70 -8.32 16.92
N PHE A 270 7.60 -7.59 17.11
CA PHE A 270 6.89 -6.99 16.00
C PHE A 270 7.78 -5.97 15.31
N VAL A 271 8.31 -5.05 16.07
CA VAL A 271 9.19 -4.00 15.50
C VAL A 271 10.38 -4.58 14.74
N GLY A 272 11.02 -5.59 15.31
CA GLY A 272 12.15 -6.23 14.63
C GLY A 272 11.70 -6.91 13.33
N SER A 273 10.49 -7.46 13.32
CA SER A 273 9.92 -8.10 12.09
C SER A 273 9.62 -7.04 11.02
N VAL A 274 9.23 -5.85 11.43
CA VAL A 274 9.02 -4.77 10.47
C VAL A 274 10.35 -4.36 9.84
N LYS A 275 11.39 -4.25 10.67
CA LYS A 275 12.71 -3.84 10.17
C LYS A 275 13.15 -4.87 9.07
N GLU A 276 12.98 -6.13 9.43
CA GLU A 276 13.35 -7.22 8.51
C GLU A 276 12.51 -7.17 7.22
N PHE A 277 11.22 -6.88 7.35
CA PHE A 277 10.35 -6.78 6.21
C PHE A 277 10.81 -5.66 5.25
N LEU A 278 11.22 -4.50 5.82
CA LEU A 278 11.68 -3.36 4.99
C LEU A 278 13.05 -3.67 4.38
N GLN A 279 13.88 -4.44 5.08
CA GLN A 279 15.18 -4.86 4.52
C GLN A 279 14.98 -5.87 3.39
N THR A 280 13.93 -6.67 3.51
CA THR A 280 13.60 -7.66 2.49
C THR A 280 12.92 -7.06 1.25
N TRP A 281 11.96 -6.14 1.44
CA TRP A 281 11.14 -5.61 0.37
C TRP A 281 11.55 -4.15 0.24
N LYS A 282 12.59 -3.91 -0.55
CA LYS A 282 13.21 -2.59 -0.59
C LYS A 282 12.40 -1.51 -1.26
N PHE A 283 11.34 -1.86 -1.98
CA PHE A 283 10.56 -0.85 -2.64
C PHE A 283 9.69 -0.05 -1.65
N PHE A 284 9.49 -0.57 -0.43
CA PHE A 284 8.65 0.14 0.58
C PHE A 284 9.47 1.24 1.25
N ASP A 285 8.82 2.39 1.53
CA ASP A 285 9.48 3.56 2.09
C ASP A 285 9.18 3.88 3.57
N GLY A 286 8.75 2.90 4.36
CA GLY A 286 8.42 3.19 5.76
C GLY A 286 7.35 2.22 6.20
N VAL A 287 6.53 2.66 7.14
CA VAL A 287 5.44 1.80 7.64
C VAL A 287 4.28 2.65 8.10
N ASP A 288 3.08 2.19 7.76
CA ASP A 288 1.83 2.80 8.19
C ASP A 288 1.18 1.83 9.20
N ILE A 289 0.82 2.34 10.37
CA ILE A 289 0.18 1.55 11.42
C ILE A 289 -1.30 1.93 11.46
N ASP A 290 -2.16 0.98 11.12
CA ASP A 290 -3.59 1.23 11.07
C ASP A 290 -4.21 0.37 12.15
N TRP A 291 -4.04 0.81 13.38
CA TRP A 291 -4.54 0.04 14.51
C TRP A 291 -5.94 0.53 14.78
N GLU A 292 -6.94 -0.35 14.62
CA GLU A 292 -8.32 0.08 14.77
C GLU A 292 -8.97 -0.67 15.93
N PHE A 293 -8.98 -0.11 17.15
CA PHE A 293 -8.45 1.20 17.52
C PHE A 293 -7.90 1.05 18.95
N PRO A 294 -6.90 1.87 19.35
CA PRO A 294 -6.51 1.87 20.79
C PRO A 294 -7.76 2.13 21.66
N GLY A 295 -8.01 1.27 22.66
CA GLY A 295 -9.23 1.43 23.48
C GLY A 295 -10.35 0.49 23.09
N GLY A 296 -10.26 -0.10 21.90
CA GLY A 296 -11.23 -1.07 21.40
C GLY A 296 -12.27 -0.37 20.52
N LYS A 297 -13.45 -0.97 20.45
CA LYS A 297 -14.54 -0.55 19.55
C LYS A 297 -14.17 -0.73 18.08
N GLY A 298 -13.22 -1.63 17.80
CA GLY A 298 -12.90 -2.04 16.45
C GLY A 298 -13.73 -3.26 16.17
N ALA A 299 -13.23 -4.13 15.32
CA ALA A 299 -14.00 -5.32 14.94
C ALA A 299 -14.28 -6.27 16.12
N ASN A 300 -13.29 -6.39 17.03
CA ASN A 300 -13.36 -7.35 18.13
C ASN A 300 -13.95 -6.73 19.42
N PRO A 301 -15.14 -7.19 19.84
CA PRO A 301 -15.78 -6.62 21.02
C PRO A 301 -15.11 -7.02 22.34
N ASN A 302 -14.20 -7.99 22.29
CA ASN A 302 -13.50 -8.45 23.49
C ASN A 302 -12.10 -7.85 23.69
N LEU A 303 -11.69 -6.92 22.81
CA LEU A 303 -10.39 -6.30 22.97
C LEU A 303 -10.53 -4.82 23.22
N GLY A 304 -9.50 -4.22 23.82
CA GLY A 304 -9.50 -2.82 24.16
C GLY A 304 -9.16 -2.66 25.63
N SER A 305 -8.15 -1.85 25.94
CA SER A 305 -7.72 -1.70 27.30
C SER A 305 -7.33 -0.22 27.54
N PRO A 306 -7.48 0.29 28.80
CA PRO A 306 -7.04 1.65 29.12
C PRO A 306 -5.55 1.86 28.85
N GLN A 307 -4.77 0.78 28.81
CA GLN A 307 -3.30 0.82 28.56
C GLN A 307 -2.99 1.15 27.07
N ASP A 308 -3.99 1.06 26.21
CA ASP A 308 -3.69 1.12 24.74
C ASP A 308 -3.03 2.42 24.27
N GLY A 309 -3.42 3.55 24.84
CA GLY A 309 -2.78 4.81 24.52
C GLY A 309 -1.29 4.82 24.76
N GLU A 310 -0.89 4.30 25.94
CA GLU A 310 0.49 4.23 26.29
C GLU A 310 1.24 3.26 25.32
N THR A 311 0.61 2.12 25.04
CA THR A 311 1.20 1.19 24.07
C THR A 311 1.38 1.83 22.70
N TYR A 312 0.37 2.56 22.24
CA TYR A 312 0.47 3.27 20.94
C TYR A 312 1.66 4.21 20.91
N VAL A 313 1.82 5.01 21.95
CA VAL A 313 2.95 5.96 21.95
C VAL A 313 4.31 5.24 22.00
N LEU A 314 4.42 4.17 22.80
CA LEU A 314 5.67 3.40 22.88
C LEU A 314 5.93 2.74 21.53
N LEU A 315 4.88 2.17 20.92
CA LEU A 315 5.06 1.56 19.58
C LEU A 315 5.57 2.59 18.55
N MET A 316 5.01 3.78 18.53
CA MET A 316 5.43 4.73 17.50
C MET A 316 6.88 5.16 17.77
N LYS A 317 7.21 5.37 19.04
CA LYS A 317 8.57 5.76 19.39
C LYS A 317 9.62 4.66 19.00
N GLU A 318 9.29 3.40 19.28
CA GLU A 318 10.22 2.32 18.95
C GLU A 318 10.31 2.08 17.42
N LEU A 319 9.19 2.23 16.72
CA LEU A 319 9.22 2.11 15.25
C LEU A 319 10.08 3.23 14.68
N ARG A 320 9.93 4.44 15.22
CA ARG A 320 10.81 5.53 14.75
C ARG A 320 12.29 5.22 15.01
N ALA A 321 12.64 4.71 16.18
CA ALA A 321 14.07 4.47 16.48
C ALA A 321 14.62 3.36 15.56
N MET A 322 13.76 2.39 15.24
CA MET A 322 14.08 1.38 14.22
C MET A 322 14.26 1.98 12.82
N LEU A 323 13.38 2.89 12.43
CA LEU A 323 13.51 3.53 11.12
C LEU A 323 14.74 4.42 11.04
N ASP A 324 15.10 5.05 12.15
N ASP A 324 15.14 5.00 12.19
CA ASP A 324 16.30 5.89 12.13
CA ASP A 324 16.41 5.73 12.33
C ASP A 324 17.56 4.99 12.03
C ASP A 324 17.61 4.87 12.00
N GLN A 325 17.56 3.79 12.64
N GLN A 325 17.67 3.70 12.63
CA GLN A 325 18.68 2.88 12.39
CA GLN A 325 18.73 2.74 12.38
C GLN A 325 18.73 2.44 10.90
C GLN A 325 18.74 2.43 10.88
N LEU A 326 17.57 2.10 10.34
CA LEU A 326 17.47 1.66 8.93
C LEU A 326 17.87 2.79 7.98
N SER A 327 17.45 4.01 8.31
CA SER A 327 17.79 5.12 7.48
C SER A 327 19.33 5.36 7.48
N ALA A 328 19.94 5.21 8.63
CA ALA A 328 21.39 5.30 8.76
C ALA A 328 22.10 4.20 7.94
N GLU A 329 21.56 2.99 7.95
CA GLU A 329 22.19 1.90 7.20
C GLU A 329 22.08 2.14 5.70
N THR A 330 20.99 2.72 5.25
CA THR A 330 20.74 2.79 3.82
C THR A 330 20.92 4.17 3.19
N GLY A 331 20.93 5.22 4.00
CA GLY A 331 20.84 6.59 3.50
C GLY A 331 19.48 7.04 3.01
N ARG A 332 18.44 6.21 3.15
CA ARG A 332 17.14 6.62 2.61
C ARG A 332 16.34 7.23 3.71
N LYS A 333 15.38 8.06 3.32
CA LYS A 333 14.40 8.61 4.24
CA LYS A 333 14.42 8.61 4.26
C LYS A 333 13.25 7.60 4.36
N TYR A 334 12.88 7.25 5.58
CA TYR A 334 11.75 6.34 5.79
C TYR A 334 10.70 7.12 6.54
N GLU A 335 9.42 6.85 6.26
CA GLU A 335 8.35 7.52 6.91
C GLU A 335 7.60 6.61 7.89
N LEU A 336 7.09 7.20 8.97
CA LEU A 336 6.22 6.47 9.89
C LEU A 336 4.91 7.22 9.93
N THR A 337 3.83 6.50 9.65
CA THR A 337 2.50 7.12 9.58
C THR A 337 1.52 6.21 10.31
N SER A 338 0.32 6.72 10.52
CA SER A 338 -0.75 5.93 11.13
C SER A 338 -2.10 6.45 10.66
N ALA A 339 -3.01 5.52 10.32
CA ALA A 339 -4.39 5.91 10.06
C ALA A 339 -5.17 5.76 11.37
N ILE A 340 -5.95 6.80 11.72
CA ILE A 340 -6.54 6.86 13.07
C ILE A 340 -8.04 7.14 13.00
N SER A 341 -8.80 6.73 14.03
CA SER A 341 -10.20 7.15 14.06
C SER A 341 -10.29 8.70 14.06
N ALA A 342 -11.29 9.25 13.35
CA ALA A 342 -11.60 10.67 13.41
C ALA A 342 -12.63 11.02 14.52
N GLY A 343 -13.09 10.04 15.28
CA GLY A 343 -14.06 10.30 16.38
C GLY A 343 -13.33 10.84 17.61
N LYS A 344 -13.82 11.94 18.17
CA LYS A 344 -13.22 12.49 19.38
C LYS A 344 -13.13 11.48 20.52
N ASP A 345 -14.11 10.60 20.64
CA ASP A 345 -14.09 9.62 21.73
C ASP A 345 -12.92 8.64 21.58
N LYS A 346 -12.53 8.34 20.34
CA LYS A 346 -11.40 7.45 20.14
C LYS A 346 -10.10 8.23 20.16
N ILE A 347 -10.12 9.47 19.64
CA ILE A 347 -8.94 10.31 19.58
C ILE A 347 -8.43 10.60 20.98
N ASP A 348 -9.32 10.78 21.94
CA ASP A 348 -8.85 11.17 23.27
CA ASP A 348 -8.85 11.18 23.28
C ASP A 348 -8.38 9.99 24.11
N LYS A 349 -8.30 8.82 23.48
CA LYS A 349 -7.66 7.68 24.13
CA LYS A 349 -7.67 7.63 24.08
C LYS A 349 -6.15 7.66 23.94
N VAL A 350 -5.64 8.56 23.10
CA VAL A 350 -4.21 8.57 22.75
C VAL A 350 -3.64 9.96 22.87
N ALA A 351 -2.41 10.08 23.37
CA ALA A 351 -1.76 11.38 23.40
C ALA A 351 -1.04 11.62 22.06
N TYR A 352 -1.78 12.06 21.04
CA TYR A 352 -1.17 12.32 19.74
C TYR A 352 -0.22 13.51 19.77
N ASN A 353 -0.36 14.38 20.77
CA ASN A 353 0.57 15.47 20.86
C ASN A 353 1.95 14.97 21.29
N VAL A 354 2.01 13.81 21.97
CA VAL A 354 3.28 13.13 22.25
C VAL A 354 3.73 12.22 21.07
N ALA A 355 2.80 11.38 20.56
CA ALA A 355 3.15 10.43 19.44
C ALA A 355 3.60 11.12 18.16
N GLN A 356 3.06 12.33 17.88
CA GLN A 356 3.41 13.04 16.66
C GLN A 356 4.89 13.27 16.53
N ASN A 357 5.58 13.32 17.66
CA ASN A 357 7.03 13.51 17.64
C ASN A 357 7.79 12.34 16.94
N SER A 358 7.12 11.20 16.84
CA SER A 358 7.70 10.03 16.12
C SER A 358 7.22 9.92 14.69
N MET A 359 6.19 10.69 14.33
CA MET A 359 5.47 10.38 13.10
C MET A 359 5.65 11.44 12.05
N ASP A 360 5.67 11.03 10.79
CA ASP A 360 5.58 11.95 9.66
C ASP A 360 4.19 12.48 9.38
N HIS A 361 3.17 11.61 9.41
CA HIS A 361 1.82 11.97 9.03
C HIS A 361 0.84 11.21 9.85
N ILE A 362 -0.29 11.85 10.12
CA ILE A 362 -1.45 11.21 10.73
C ILE A 362 -2.55 11.17 9.66
N PHE A 363 -2.93 9.95 9.23
CA PHE A 363 -4.02 9.81 8.29
C PHE A 363 -5.35 9.81 9.01
N LEU A 364 -6.00 10.96 9.03
CA LEU A 364 -7.24 11.06 9.77
C LEU A 364 -8.42 10.43 9.04
N MET A 365 -9.03 9.38 9.62
CA MET A 365 -10.05 8.61 8.91
C MET A 365 -11.42 9.29 8.99
N SER A 366 -11.48 10.47 8.37
CA SER A 366 -12.71 11.30 8.39
C SER A 366 -13.71 10.77 7.38
N TYR A 367 -14.17 9.54 7.63
CA TYR A 367 -15.21 8.87 6.83
C TYR A 367 -15.79 7.78 7.71
N ASP A 368 -16.76 7.02 7.21
CA ASP A 368 -17.49 6.00 7.99
C ASP A 368 -18.14 6.58 9.25
N PHE A 369 -18.49 7.88 9.23
CA PHE A 369 -19.13 8.53 10.40
C PHE A 369 -20.51 7.96 10.69
N TYR A 370 -21.20 7.53 9.63
CA TYR A 370 -22.51 6.94 9.66
C TYR A 370 -22.58 5.91 8.60
N GLY A 371 -23.61 5.06 8.65
CA GLY A 371 -23.69 4.00 7.62
C GLY A 371 -24.67 2.90 7.97
N ALA A 372 -24.69 1.82 7.20
CA ALA A 372 -25.77 0.82 7.38
C ALA A 372 -25.57 0.00 8.67
N PHE A 373 -24.45 0.24 9.35
CA PHE A 373 -24.17 -0.35 10.69
C PHE A 373 -25.07 0.24 11.76
N ASP A 374 -25.69 1.40 11.47
CA ASP A 374 -26.72 1.99 12.34
C ASP A 374 -27.93 2.43 11.48
N LEU A 375 -29.05 1.72 11.63
CA LEU A 375 -30.28 1.96 10.83
C LEU A 375 -31.17 3.08 11.39
N LYS A 376 -30.82 3.54 12.58
CA LYS A 376 -31.65 4.50 13.28
C LYS A 376 -31.16 5.93 13.23
N ASN A 377 -29.86 6.13 13.30
CA ASN A 377 -29.33 7.48 13.26
C ASN A 377 -28.54 7.67 11.96
N LEU A 378 -29.15 8.39 11.02
CA LEU A 378 -28.58 8.58 9.70
C LEU A 378 -27.84 9.91 9.62
N GLY A 379 -26.84 9.99 8.75
CA GLY A 379 -26.06 11.21 8.65
C GLY A 379 -25.08 11.10 7.51
N HIS A 380 -24.35 12.20 7.28
CA HIS A 380 -23.37 12.20 6.22
C HIS A 380 -22.16 11.38 6.70
N GLN A 381 -21.67 10.46 5.88
CA GLN A 381 -20.59 9.56 6.30
C GLN A 381 -19.21 10.17 6.31
N THR A 382 -18.98 11.28 5.60
CA THR A 382 -17.64 11.80 5.43
C THR A 382 -17.66 13.35 5.34
N ALA A 383 -18.67 13.99 5.93
CA ALA A 383 -18.83 15.45 5.79
C ALA A 383 -17.72 16.28 6.42
N LEU A 384 -17.53 17.48 5.88
CA LEU A 384 -16.62 18.38 6.54
C LEU A 384 -17.25 18.88 7.85
N ASN A 385 -18.49 19.38 7.76
CA ASN A 385 -19.15 20.08 8.88
C ASN A 385 -20.40 19.36 9.26
N ALA A 386 -21.02 19.79 10.35
CA ALA A 386 -22.35 19.29 10.70
C ALA A 386 -23.34 19.93 9.72
N PRO A 387 -24.45 19.26 9.48
CA PRO A 387 -25.52 19.78 8.63
C PRO A 387 -26.42 20.80 9.40
N ALA A 388 -27.17 21.62 8.65
CA ALA A 388 -28.04 22.65 9.25
C ALA A 388 -29.09 22.05 10.17
N TRP A 389 -29.60 20.87 9.86
CA TRP A 389 -30.60 20.26 10.71
C TRP A 389 -30.10 19.63 12.01
N LYS A 390 -28.77 19.57 12.22
CA LYS A 390 -28.24 18.98 13.46
C LYS A 390 -26.83 19.48 13.69
N PRO A 391 -26.69 20.75 14.11
CA PRO A 391 -25.39 21.37 14.17
C PRO A 391 -24.49 20.77 15.27
N ASP A 392 -25.07 19.97 16.17
CA ASP A 392 -24.30 19.37 17.26
C ASP A 392 -23.78 17.97 16.86
N THR A 393 -24.00 17.58 15.60
CA THR A 393 -23.55 16.28 15.09
C THR A 393 -22.13 15.98 15.59
N ALA A 394 -21.95 14.81 16.20
CA ALA A 394 -20.67 14.48 16.84
C ALA A 394 -19.56 14.21 15.81
N TYR A 395 -19.88 13.39 14.82
CA TYR A 395 -18.86 12.89 13.89
C TYR A 395 -18.84 13.67 12.59
N THR A 396 -17.92 14.63 12.54
CA THR A 396 -17.60 15.40 11.34
C THR A 396 -16.05 15.50 11.24
N THR A 397 -15.57 15.88 10.08
CA THR A 397 -14.13 16.03 9.85
C THR A 397 -13.56 17.08 10.77
N VAL A 398 -14.25 18.23 10.84
CA VAL A 398 -13.76 19.36 11.63
C VAL A 398 -13.69 18.95 13.13
N ASN A 399 -14.63 18.14 13.62
CA ASN A 399 -14.54 17.74 15.01
C ASN A 399 -13.28 16.89 15.29
N GLY A 400 -12.90 16.02 14.34
CA GLY A 400 -11.74 15.16 14.49
C GLY A 400 -10.49 15.98 14.43
N VAL A 401 -10.42 16.91 13.46
CA VAL A 401 -9.23 17.78 13.34
C VAL A 401 -9.13 18.62 14.60
N ASN A 402 -10.22 19.22 15.03
CA ASN A 402 -10.12 20.07 16.25
C ASN A 402 -9.70 19.29 17.54
N ALA A 403 -10.19 18.08 17.69
CA ALA A 403 -9.72 17.18 18.75
C ALA A 403 -8.20 17.06 18.69
N LEU A 404 -7.63 16.78 17.53
CA LEU A 404 -6.18 16.68 17.44
C LEU A 404 -5.49 17.99 17.78
N LEU A 405 -5.96 19.09 17.19
CA LEU A 405 -5.35 20.41 17.42
C LEU A 405 -5.43 20.79 18.87
N THR A 406 -6.53 20.47 19.53
CA THR A 406 -6.68 20.79 20.96
C THR A 406 -5.70 19.99 21.85
N GLN A 407 -5.34 18.78 21.42
CA GLN A 407 -4.31 18.03 22.10
C GLN A 407 -2.96 18.72 22.00
N GLY A 408 -2.76 19.51 20.96
CA GLY A 408 -1.46 20.10 20.64
C GLY A 408 -0.76 19.43 19.43
N VAL A 409 -1.47 18.62 18.66
CA VAL A 409 -0.94 18.16 17.34
C VAL A 409 -0.70 19.32 16.38
N LYS A 410 0.48 19.34 15.78
CA LYS A 410 0.77 20.33 14.77
C LYS A 410 -0.09 20.13 13.53
N PRO A 411 -0.68 21.23 13.01
CA PRO A 411 -1.60 21.08 11.88
C PRO A 411 -0.97 20.35 10.66
N GLY A 412 0.30 20.63 10.40
CA GLY A 412 1.03 20.09 9.23
C GLY A 412 1.14 18.54 9.21
N LYS A 413 0.91 17.90 10.36
CA LYS A 413 0.94 16.43 10.49
C LYS A 413 -0.37 15.77 10.05
N ILE A 414 -1.45 16.56 10.00
CA ILE A 414 -2.78 16.00 9.88
C ILE A 414 -3.18 15.92 8.37
N VAL A 415 -3.45 14.69 7.92
CA VAL A 415 -3.86 14.43 6.54
C VAL A 415 -5.34 14.05 6.55
N VAL A 416 -6.16 14.87 5.92
CA VAL A 416 -7.63 14.68 5.98
C VAL A 416 -8.07 13.59 5.02
N GLY A 417 -9.01 12.77 5.45
CA GLY A 417 -9.45 11.60 4.69
C GLY A 417 -10.62 11.93 3.80
N THR A 418 -10.64 11.36 2.58
CA THR A 418 -11.80 11.43 1.67
C THR A 418 -12.22 10.00 1.31
N ALA A 419 -13.51 9.79 1.03
CA ALA A 419 -13.99 8.46 0.70
C ALA A 419 -14.17 8.36 -0.80
N MET A 420 -13.64 7.29 -1.39
CA MET A 420 -13.94 6.96 -2.81
C MET A 420 -15.12 5.97 -2.93
N TYR A 421 -16.01 6.00 -1.95
CA TYR A 421 -17.12 5.08 -1.87
C TYR A 421 -18.23 5.81 -1.10
N GLY A 422 -19.46 5.34 -1.22
CA GLY A 422 -20.55 5.85 -0.43
C GLY A 422 -21.01 4.76 0.52
N ARG A 423 -21.64 5.14 1.63
CA ARG A 423 -22.40 4.19 2.43
C ARG A 423 -23.87 4.50 2.26
N GLY A 424 -24.73 3.50 2.40
CA GLY A 424 -26.16 3.79 2.21
C GLY A 424 -27.09 2.79 2.86
N TRP A 425 -28.36 3.19 2.87
CA TRP A 425 -29.47 2.49 3.48
C TRP A 425 -30.57 2.29 2.42
N THR A 426 -31.44 1.32 2.66
CA THR A 426 -32.64 1.13 1.88
C THR A 426 -33.83 1.32 2.83
N GLY A 427 -35.01 1.61 2.25
CA GLY A 427 -36.24 1.74 3.04
C GLY A 427 -36.31 2.95 3.96
N VAL A 428 -35.54 4.00 3.68
CA VAL A 428 -35.56 5.17 4.56
C VAL A 428 -36.99 5.76 4.49
N ASN A 429 -37.52 6.14 5.65
CA ASN A 429 -38.95 6.48 5.82
C ASN A 429 -39.06 7.34 7.09
N GLY A 430 -40.15 8.09 7.24
CA GLY A 430 -40.36 8.83 8.47
C GLY A 430 -39.48 10.05 8.66
N TYR A 431 -39.03 10.64 7.55
CA TYR A 431 -38.21 11.85 7.60
C TYR A 431 -39.04 13.11 7.41
N GLN A 432 -38.50 14.24 7.83
CA GLN A 432 -39.22 15.51 7.81
C GLN A 432 -38.55 16.45 6.82
N ASN A 433 -39.34 17.42 6.33
CA ASN A 433 -38.82 18.56 5.59
C ASN A 433 -37.95 18.22 4.40
N ASN A 434 -38.25 17.08 3.76
CA ASN A 434 -37.52 16.58 2.61
C ASN A 434 -36.04 16.27 2.90
N ILE A 435 -35.72 16.03 4.16
CA ILE A 435 -34.34 15.65 4.53
C ILE A 435 -34.34 14.19 4.96
N PRO A 436 -33.95 13.28 4.05
CA PRO A 436 -34.03 11.85 4.33
C PRO A 436 -33.25 11.40 5.58
N PHE A 437 -32.17 12.13 5.92
CA PHE A 437 -31.31 11.77 7.06
C PHE A 437 -32.05 11.86 8.41
N THR A 438 -33.15 12.61 8.44
CA THR A 438 -33.98 12.72 9.67
C THR A 438 -34.88 11.52 9.89
N GLY A 439 -34.90 10.55 8.98
CA GLY A 439 -35.74 9.37 9.13
C GLY A 439 -34.97 8.18 9.72
N THR A 440 -35.47 6.97 9.46
CA THR A 440 -34.81 5.73 9.91
C THR A 440 -34.84 4.78 8.71
N ALA A 441 -33.97 3.76 8.68
CA ALA A 441 -33.87 2.83 7.56
C ALA A 441 -34.31 1.42 7.92
N THR A 442 -34.55 0.56 6.95
CA THR A 442 -34.88 -0.82 7.28
C THR A 442 -33.77 -1.81 6.93
N GLY A 443 -32.65 -1.31 6.42
CA GLY A 443 -31.55 -2.17 5.97
C GLY A 443 -30.47 -1.39 5.24
N PRO A 444 -29.45 -2.11 4.76
CA PRO A 444 -28.38 -1.50 3.97
C PRO A 444 -28.80 -1.32 2.49
N VAL A 445 -28.17 -0.39 1.77
CA VAL A 445 -28.39 -0.30 0.33
C VAL A 445 -27.66 -1.49 -0.31
N LYS A 446 -28.15 -1.95 -1.46
CA LYS A 446 -27.46 -2.95 -2.24
C LYS A 446 -26.08 -2.38 -2.63
N GLY A 447 -25.04 -3.14 -2.35
CA GLY A 447 -23.65 -2.67 -2.48
C GLY A 447 -22.95 -3.21 -3.71
N THR A 448 -21.84 -2.60 -4.06
CA THR A 448 -21.09 -3.06 -5.19
C THR A 448 -20.45 -4.44 -4.89
N TRP A 449 -19.79 -4.53 -3.73
CA TRP A 449 -19.08 -5.74 -3.32
C TRP A 449 -19.60 -6.27 -1.99
N GLU A 450 -20.10 -5.38 -1.16
CA GLU A 450 -20.77 -5.76 0.07
C GLU A 450 -21.89 -4.81 0.42
N ASN A 451 -22.89 -5.33 1.12
CA ASN A 451 -24.04 -4.56 1.51
C ASN A 451 -23.69 -3.26 2.18
N GLY A 452 -24.39 -2.20 1.83
CA GLY A 452 -24.25 -0.95 2.59
C GLY A 452 -23.15 -0.03 2.07
N ILE A 453 -22.44 -0.46 1.03
CA ILE A 453 -21.27 0.28 0.48
C ILE A 453 -21.27 0.23 -1.05
N VAL A 454 -21.03 1.38 -1.67
CA VAL A 454 -21.02 1.47 -3.15
C VAL A 454 -19.78 2.18 -3.64
N ASP A 455 -19.08 1.62 -4.62
CA ASP A 455 -17.91 2.29 -5.21
C ASP A 455 -18.35 3.64 -5.73
N TYR A 456 -17.52 4.68 -5.56
CA TYR A 456 -17.85 5.98 -6.14
C TYR A 456 -18.10 5.84 -7.66
N ARG A 457 -17.30 5.01 -8.34
CA ARG A 457 -17.50 4.76 -9.79
C ARG A 457 -18.95 4.42 -10.09
N GLN A 458 -19.54 3.56 -9.25
CA GLN A 458 -20.93 3.09 -9.48
C GLN A 458 -21.95 4.16 -9.14
N ILE A 459 -21.70 4.93 -8.10
CA ILE A 459 -22.57 6.06 -7.75
C ILE A 459 -22.64 7.01 -8.96
N ALA A 460 -21.48 7.35 -9.54
CA ALA A 460 -21.40 8.36 -10.61
C ALA A 460 -22.05 7.82 -11.89
N SER A 461 -21.80 6.54 -12.12
CA SER A 461 -22.27 5.81 -13.27
C SER A 461 -23.77 5.46 -13.26
N GLN A 462 -24.25 4.95 -12.13
CA GLN A 462 -25.56 4.29 -12.02
CA GLN A 462 -25.56 4.29 -12.03
C GLN A 462 -26.63 5.08 -11.30
N PHE A 463 -26.20 6.00 -10.43
CA PHE A 463 -27.17 6.66 -9.53
C PHE A 463 -27.34 8.17 -9.73
N MET A 464 -27.14 8.60 -10.98
N MET A 464 -27.13 8.59 -10.98
CA MET A 464 -27.26 10.00 -11.37
CA MET A 464 -27.23 9.99 -11.40
C MET A 464 -28.21 10.11 -12.57
C MET A 464 -28.19 10.08 -12.59
N SER A 465 -29.27 9.29 -12.57
CA SER A 465 -30.33 9.33 -13.59
C SER A 465 -31.64 8.75 -13.04
N GLY A 466 -32.69 8.78 -13.87
CA GLY A 466 -33.99 8.25 -13.48
C GLY A 466 -34.55 8.93 -12.26
N GLU A 467 -34.94 8.12 -11.28
CA GLU A 467 -35.61 8.61 -10.07
C GLU A 467 -34.66 9.22 -9.01
N TRP A 468 -33.36 9.01 -9.16
CA TRP A 468 -32.42 9.46 -8.11
C TRP A 468 -32.34 10.95 -7.99
N GLN A 469 -32.63 11.48 -6.81
CA GLN A 469 -32.41 12.90 -6.55
C GLN A 469 -30.93 13.06 -6.21
N TYR A 470 -30.31 14.18 -6.59
CA TYR A 470 -28.97 14.53 -6.11
C TYR A 470 -29.05 15.84 -5.37
N THR A 471 -28.38 15.92 -4.20
CA THR A 471 -28.32 17.17 -3.43
C THR A 471 -26.94 17.37 -2.88
N TYR A 472 -26.41 18.59 -3.03
CA TYR A 472 -25.19 18.94 -2.38
C TYR A 472 -25.55 19.80 -1.19
N ASP A 473 -25.30 19.25 0.02
CA ASP A 473 -25.45 20.03 1.26
C ASP A 473 -24.25 20.96 1.48
N ALA A 474 -24.44 22.27 1.33
CA ALA A 474 -23.29 23.16 1.35
C ALA A 474 -22.89 23.58 2.75
N THR A 475 -23.74 23.32 3.73
CA THR A 475 -23.37 23.60 5.12
C THR A 475 -22.40 22.51 5.58
N ALA A 476 -22.79 21.25 5.38
CA ALA A 476 -21.96 20.11 5.77
C ALA A 476 -20.80 19.90 4.84
N GLU A 477 -20.98 20.36 3.58
CA GLU A 477 -20.08 20.06 2.45
C GLU A 477 -20.14 18.55 2.13
N ALA A 478 -21.26 18.11 1.57
CA ALA A 478 -21.55 16.70 1.49
C ALA A 478 -22.65 16.44 0.51
N PRO A 479 -22.39 15.66 -0.53
CA PRO A 479 -23.40 15.26 -1.50
C PRO A 479 -24.15 13.99 -1.04
N TYR A 480 -25.38 13.82 -1.51
CA TYR A 480 -26.09 12.58 -1.35
C TYR A 480 -27.12 12.37 -2.47
N VAL A 481 -27.41 11.11 -2.74
CA VAL A 481 -28.44 10.82 -3.69
C VAL A 481 -29.54 10.04 -2.98
N PHE A 482 -30.78 10.16 -3.46
CA PHE A 482 -31.92 9.56 -2.80
C PHE A 482 -32.96 9.10 -3.83
N LYS A 483 -33.46 7.87 -3.65
CA LYS A 483 -34.51 7.34 -4.52
C LYS A 483 -35.71 7.16 -3.62
N PRO A 484 -36.71 8.11 -3.65
CA PRO A 484 -37.80 8.08 -2.66
C PRO A 484 -38.71 6.85 -2.74
N SER A 485 -38.86 6.24 -3.90
CA SER A 485 -39.78 5.10 -3.99
C SER A 485 -39.27 3.82 -3.28
N THR A 486 -37.96 3.68 -3.09
CA THR A 486 -37.43 2.52 -2.39
C THR A 486 -36.83 2.98 -1.09
N GLY A 487 -36.73 4.29 -0.92
CA GLY A 487 -36.04 4.86 0.24
C GLY A 487 -34.53 4.56 0.26
N ASP A 488 -33.92 4.33 -0.92
CA ASP A 488 -32.46 4.17 -1.01
C ASP A 488 -31.74 5.50 -0.83
N LEU A 489 -30.83 5.58 0.16
CA LEU A 489 -30.13 6.83 0.48
C LEU A 489 -28.62 6.55 0.53
N ILE A 490 -27.80 7.27 -0.26
CA ILE A 490 -26.33 7.02 -0.29
C ILE A 490 -25.57 8.31 0.00
N THR A 491 -24.60 8.22 0.95
CA THR A 491 -23.80 9.36 1.38
C THR A 491 -22.33 9.13 1.00
N PHE A 492 -21.73 10.10 0.30
CA PHE A 492 -20.46 9.86 -0.36
C PHE A 492 -19.68 11.17 -0.43
N ASP A 493 -18.45 11.11 -0.95
CA ASP A 493 -17.71 12.31 -1.33
C ASP A 493 -17.82 12.50 -2.87
N ASP A 494 -17.80 13.75 -3.31
CA ASP A 494 -17.70 13.98 -4.75
C ASP A 494 -16.71 15.11 -5.03
N ALA A 495 -16.58 15.54 -6.31
CA ALA A 495 -15.55 16.51 -6.63
C ALA A 495 -15.70 17.75 -5.75
N ARG A 496 -16.94 18.12 -5.50
CA ARG A 496 -17.18 19.36 -4.76
C ARG A 496 -16.89 19.26 -3.27
N SER A 497 -17.30 18.17 -2.62
CA SER A 497 -16.99 18.03 -1.17
C SER A 497 -15.49 17.82 -0.98
N VAL A 498 -14.85 17.15 -1.93
CA VAL A 498 -13.38 17.06 -1.93
C VAL A 498 -12.74 18.42 -2.08
N GLN A 499 -13.27 19.27 -2.98
CA GLN A 499 -12.78 20.66 -3.14
CA GLN A 499 -12.67 20.60 -3.12
C GLN A 499 -12.87 21.40 -1.80
N ALA A 500 -13.98 21.19 -1.10
CA ALA A 500 -14.16 21.85 0.19
C ALA A 500 -13.14 21.38 1.24
N LYS A 501 -12.89 20.08 1.27
CA LYS A 501 -11.83 19.53 2.13
C LYS A 501 -10.44 20.04 1.77
N GLY A 502 -10.10 20.11 0.48
CA GLY A 502 -8.81 20.62 0.07
C GLY A 502 -8.60 22.07 0.46
N LYS A 503 -9.63 22.88 0.22
CA LYS A 503 -9.64 24.30 0.59
C LYS A 503 -9.39 24.48 2.09
N TYR A 504 -10.07 23.64 2.86
CA TYR A 504 -9.96 23.63 4.32
C TYR A 504 -8.57 23.22 4.76
N VAL A 505 -8.02 22.19 4.11
CA VAL A 505 -6.63 21.82 4.34
C VAL A 505 -5.68 23.00 4.12
N LEU A 506 -5.81 23.68 2.99
CA LEU A 506 -4.96 24.84 2.72
C LEU A 506 -5.18 25.98 3.74
N ASP A 507 -6.44 26.28 4.04
CA ASP A 507 -6.82 27.33 5.02
CA ASP A 507 -6.79 27.34 5.01
C ASP A 507 -6.24 27.07 6.40
N LYS A 508 -6.32 25.82 6.86
CA LYS A 508 -5.84 25.45 8.20
C LYS A 508 -4.38 24.99 8.26
N GLN A 509 -3.67 25.03 7.13
CA GLN A 509 -2.27 24.62 7.06
C GLN A 509 -2.08 23.13 7.50
N LEU A 510 -3.08 22.31 7.16
CA LEU A 510 -2.99 20.87 7.42
C LEU A 510 -2.05 20.21 6.40
N GLY A 511 -1.85 18.89 6.51
CA GLY A 511 -0.80 18.26 5.69
C GLY A 511 -1.17 17.83 4.25
N GLY A 512 -2.46 17.62 3.98
CA GLY A 512 -2.89 17.17 2.63
C GLY A 512 -4.15 16.34 2.75
N LEU A 513 -4.39 15.50 1.73
CA LEU A 513 -5.57 14.63 1.72
C LEU A 513 -5.16 13.19 1.40
N PHE A 514 -5.91 12.20 1.87
CA PHE A 514 -5.69 10.80 1.43
C PHE A 514 -7.05 10.16 1.29
N SER A 515 -7.09 8.98 0.68
CA SER A 515 -8.36 8.37 0.33
C SER A 515 -8.37 6.88 0.51
N TRP A 516 -9.56 6.33 0.73
CA TRP A 516 -9.79 4.88 0.70
C TRP A 516 -10.93 4.64 -0.30
N GLU A 517 -10.79 3.78 -1.31
CA GLU A 517 -9.64 3.00 -1.69
C GLU A 517 -9.52 3.24 -3.18
N ILE A 518 -8.30 3.23 -3.73
CA ILE A 518 -8.02 3.78 -5.06
C ILE A 518 -8.81 3.06 -6.19
N ASP A 519 -9.12 1.78 -6.03
CA ASP A 519 -9.84 1.04 -7.10
C ASP A 519 -11.26 1.55 -7.31
N ALA A 520 -11.83 2.20 -6.29
CA ALA A 520 -13.24 2.61 -6.34
C ALA A 520 -13.53 3.94 -7.05
N ASP A 521 -12.49 4.73 -7.31
CA ASP A 521 -12.62 6.05 -7.95
C ASP A 521 -12.72 5.89 -9.48
N ASN A 522 -13.41 6.80 -10.16
CA ASN A 522 -13.34 6.85 -11.66
C ASN A 522 -12.35 7.94 -12.16
N GLY A 523 -11.69 8.61 -11.22
CA GLY A 523 -10.75 9.70 -11.50
C GLY A 523 -11.23 11.00 -10.88
N ASP A 524 -12.55 11.15 -10.73
CA ASP A 524 -13.14 12.39 -10.24
C ASP A 524 -12.60 12.74 -8.87
N ILE A 525 -12.50 11.74 -7.99
CA ILE A 525 -12.15 12.04 -6.62
C ILE A 525 -10.68 12.46 -6.53
N LEU A 526 -9.78 11.68 -7.13
CA LEU A 526 -8.37 11.99 -7.06
C LEU A 526 -8.02 13.27 -7.83
N ASN A 527 -8.69 13.50 -8.97
CA ASN A 527 -8.51 14.77 -9.70
C ASN A 527 -8.80 15.94 -8.77
N SER A 528 -9.94 15.87 -8.09
CA SER A 528 -10.30 16.93 -7.15
C SER A 528 -9.34 17.09 -5.94
N MET A 529 -8.86 15.97 -5.39
CA MET A 529 -7.83 16.06 -4.37
C MET A 529 -6.64 16.87 -4.84
N ASN A 530 -6.16 16.52 -6.02
CA ASN A 530 -5.00 17.19 -6.58
C ASN A 530 -5.28 18.69 -6.83
N ALA A 531 -6.39 19.00 -7.51
CA ALA A 531 -6.71 20.40 -7.90
C ALA A 531 -6.92 21.30 -6.67
N SER A 532 -7.66 20.79 -5.71
CA SER A 532 -8.03 21.56 -4.52
C SER A 532 -6.84 21.81 -3.60
N LEU A 533 -5.80 21.01 -3.74
CA LEU A 533 -4.64 21.25 -2.91
C LEU A 533 -3.66 22.16 -3.63
N GLY A 534 -3.99 22.52 -4.87
CA GLY A 534 -3.19 23.47 -5.66
C GLY A 534 -2.12 22.83 -6.52
N ASN A 535 -2.18 21.52 -6.72
CA ASN A 535 -1.27 20.90 -7.68
C ASN A 535 -1.57 21.41 -9.10
N SER A 536 -0.53 21.71 -9.87
CA SER A 536 -0.72 22.19 -11.26
C SER A 536 -1.08 21.05 -12.19
N ALA A 537 -1.92 21.34 -13.18
CA ALA A 537 -2.20 20.34 -14.21
C ALA A 537 -0.99 20.07 -15.07
N GLY A 538 -0.85 18.84 -15.56
CA GLY A 538 -0.03 18.57 -16.77
C GLY A 538 0.85 17.34 -16.72
C1 NAG B . -12.50 -2.53 4.99
C2 NAG B . -13.13 -2.89 3.62
C3 NAG B . -13.26 -4.41 3.55
C4 NAG B . -11.96 -5.13 3.99
C5 NAG B . -11.44 -4.59 5.33
C6 NAG B . -10.09 -5.15 5.75
C7 NAG B . -14.74 -1.37 2.48
C8 NAG B . -16.13 -0.77 2.52
N2 NAG B . -14.42 -2.23 3.48
O3 NAG B . -13.48 -4.70 2.20
O4 NAG B . -12.04 -6.52 4.09
O5 NAG B . -11.24 -3.21 5.11
O6 NAG B . -9.74 -4.49 6.95
O7 NAG B . -13.99 -1.05 1.56
C1 NAG B . -11.87 -7.25 2.88
C2 NAG B . -11.01 -8.49 3.17
C3 NAG B . -10.92 -9.33 1.90
C4 NAG B . -12.29 -9.69 1.32
C5 NAG B . -13.14 -8.47 1.19
C6 NAG B . -14.56 -8.96 0.91
C7 NAG B . -9.15 -8.37 4.79
C8 NAG B . -7.68 -8.06 5.04
N2 NAG B . -9.63 -8.17 3.53
O3 NAG B . -10.25 -10.51 2.19
O4 NAG B . -12.22 -10.39 0.08
O5 NAG B . -13.14 -7.70 2.40
O6 NAG B . -15.46 -7.87 1.01
O7 NAG B . -9.87 -8.76 5.73
C1 NAG C . -19.26 3.67 14.12
C2 NAG C . -17.92 4.34 13.77
C3 NAG C . -17.23 3.72 12.55
C4 NAG C . -17.26 2.17 12.54
C5 NAG C . -18.54 1.57 13.15
C6 NAG C . -18.35 0.10 13.50
C7 NAG C . -17.47 6.62 14.44
C8 NAG C . -17.63 8.09 14.18
N2 NAG C . -18.06 5.77 13.59
O1 NAG C . -19.84 4.24 15.28
O3 NAG C . -15.88 4.19 12.49
O4 NAG C . -17.14 1.70 11.21
O5 NAG C . -19.04 2.27 14.29
O6 NAG C . -19.38 -0.63 12.86
O7 NAG C . -16.79 6.25 15.42
C1 NAG C . -15.76 1.37 10.91
C2 NAG C . -15.71 0.36 9.75
C3 NAG C . -14.26 0.09 9.30
C4 NAG C . -13.34 1.33 9.29
C5 NAG C . -13.56 2.32 10.46
C6 NAG C . -12.88 3.67 10.21
C7 NAG C . -17.39 -1.40 9.52
C8 NAG C . -17.96 -2.74 9.92
N2 NAG C . -16.31 -0.92 10.13
O3 NAG C . -14.26 -0.63 8.08
O4 NAG C . -12.01 0.93 9.36
O5 NAG C . -14.94 2.51 10.65
O6 NAG C . -12.97 4.48 11.39
O7 NAG C . -17.88 -0.73 8.63
C1 NGT D . -10.78 2.19 6.64
C2 NGT D . -10.16 0.96 7.36
C3 NGT D . -10.45 -0.26 6.42
C4 NGT D . -11.90 -0.27 5.80
C5 NGT D . -12.25 1.09 5.15
C6 NGT D . -13.70 1.22 4.65
C7 NGT D . -8.30 2.08 6.47
C8 NGT D . -6.83 2.28 6.25
N2 NGT D . -8.72 1.14 7.22
S1 NGT D . -9.50 3.03 5.73
O3 NGT D . -10.05 -1.57 6.92
O4 NGT D . -12.10 -1.17 4.69
O5 NGT D . -12.06 2.13 6.06
O6 NGT D . -14.55 1.32 5.80
C1 DIO E . 12.73 -12.89 5.05
C2 DIO E . 11.92 -13.49 7.23
C1' DIO E . 12.06 -14.16 4.53
C2' DIO E . 12.34 -14.89 6.77
O1 DIO E . 11.99 -12.47 6.19
O1' DIO E . 11.70 -15.14 5.51
C1 PEG F . 21.56 -17.27 -23.14
O1 PEG F . 22.12 -18.04 -22.11
C2 PEG F . 22.66 -16.58 -23.93
O2 PEG F . 22.25 -16.48 -25.25
C3 PEG F . 22.69 -17.65 -25.97
C4 PEG F . 23.34 -17.12 -27.22
O4 PEG F . 22.43 -16.13 -27.70
#